data_8VBJ
#
_entry.id   8VBJ
#
_cell.length_a   69.959
_cell.length_b   178.585
_cell.length_c   105.706
_cell.angle_alpha   90.000
_cell.angle_beta   90.000
_cell.angle_gamma   90.000
#
_symmetry.space_group_name_H-M   'C 2 2 21'
#
loop_
_entity.id
_entity.type
_entity.pdbx_description
1 polymer 'Bovine Fab ElsE2 light chain'
2 polymer 'Bovine Fab ElsE2 heavy chain'
3 non-polymer 'POTASSIUM ION'
4 non-polymer 'SULFATE ION'
5 water water
#
loop_
_entity_poly.entity_id
_entity_poly.type
_entity_poly.pdbx_seq_one_letter_code
_entity_poly.pdbx_strand_id
1 'polypeptide(L)'
;QAVLNQPSSVSGSLGQRVSITCSGSSSNVGNGYVSWYQLIPGSAPRTLIYGDTSRASGVPDRFSGSRSGNTATLTISSLQ
AEDEADYFCASAEDSSSNAVFGSGTTLTVLGQPKAAPSVTLFPPSSEELQANKATLVCLISDFYPGAVTVAWKADSSPVK
AGVETTTPSKQSNNKYAASSYLSLTPEQWKSHRSYSCQVTHEGSTVEKTVAPTECS
;
L
2 'polypeptide(L)'
;QVQLRESGPSLVKPSQTLSLTCTTSGFSLSDKTVGWVRQAPGRALEWLGSIDSSGTTGYNSDLKFRLQITKYNSENQVSL
SLIGATTADSATYYCTTVHQQTRKSCPGGYTFGYDCGFHGWGSDDCYPDCSDILNSDVVGPIDTHEFHVDAWGQGLLVTV
SSASTKGPSVFPLAPSSKSTSGGTAALGCLVKDYFPEPVTVSWNSGALTSGVHTFPAVLQSSGLYSLSSVVTVPSSSLGT
QTYICNVNHKPSNTKVDKKVEPKSC
;
H
#
# COMPACT_ATOMS: atom_id res chain seq x y z
N VAL A 3 16.67 5.15 10.70
CA VAL A 3 15.19 5.12 10.89
C VAL A 3 14.87 6.13 12.00
N LEU A 4 13.86 6.95 11.78
CA LEU A 4 13.33 7.84 12.80
C LEU A 4 12.25 7.13 13.62
N ASN A 5 12.14 7.49 14.88
CA ASN A 5 11.34 6.71 15.82
C ASN A 5 9.94 7.29 15.95
N GLN A 6 8.93 6.52 15.56
CA GLN A 6 7.53 6.89 15.74
C GLN A 6 6.84 5.84 16.61
N PRO A 7 5.73 6.18 17.25
CA PRO A 7 4.92 5.16 17.92
C PRO A 7 4.24 4.23 16.91
N SER A 8 4.27 2.93 17.18
CA SER A 8 3.74 2.00 16.19
C SER A 8 2.24 2.23 15.97
N SER A 9 1.53 2.77 16.94
CA SER A 9 0.09 3.01 16.79
C SER A 9 -0.37 4.14 17.67
N VAL A 10 -1.35 4.90 17.16
CA VAL A 10 -2.05 5.90 17.93
C VAL A 10 -3.53 5.77 17.59
N SER A 11 -4.38 6.23 18.50
CA SER A 11 -5.79 6.23 18.21
C SER A 11 -6.42 7.46 18.80
N GLY A 12 -7.53 7.86 18.20
CA GLY A 12 -8.36 8.91 18.77
C GLY A 12 -9.78 8.68 18.28
N SER A 13 -10.72 9.40 18.88
CA SER A 13 -12.12 9.27 18.50
C SER A 13 -12.48 10.32 17.47
N LEU A 14 -13.56 10.05 16.75
CA LEU A 14 -14.08 11.03 15.79
C LEU A 14 -14.24 12.38 16.50
N GLY A 15 -13.85 13.45 15.80
CA GLY A 15 -13.89 14.78 16.35
C GLY A 15 -12.73 15.15 17.24
N GLN A 16 -11.99 14.21 17.76
CA GLN A 16 -10.91 14.55 18.65
C GLN A 16 -9.61 14.82 17.85
N ARG A 17 -8.53 15.04 18.58
CA ARG A 17 -7.24 15.45 18.07
C ARG A 17 -6.23 14.42 18.54
N VAL A 18 -5.30 14.06 17.67
CA VAL A 18 -4.24 13.11 18.00
C VAL A 18 -2.91 13.68 17.50
N SER A 19 -1.82 13.26 18.12
CA SER A 19 -0.48 13.67 17.78
C SER A 19 0.39 12.43 17.53
N ILE A 20 1.16 12.47 16.46
CA ILE A 20 2.08 11.44 16.09
C ILE A 20 3.45 12.10 16.16
N THR A 21 4.34 11.54 16.97
CA THR A 21 5.69 12.08 17.12
C THR A 21 6.70 11.34 16.27
N CYS A 22 7.77 12.06 15.94
CA CYS A 22 8.85 11.54 15.12
C CYS A 22 10.14 12.02 15.77
N SER A 23 10.89 11.14 16.39
CA SER A 23 12.08 11.46 17.18
C SER A 23 13.30 11.03 16.43
N GLY A 24 14.20 11.97 16.18
CA GLY A 24 15.44 11.73 15.48
C GLY A 24 16.59 12.39 16.25
N SER A 25 17.60 12.80 15.50
CA SER A 25 18.82 13.34 16.09
C SER A 25 19.10 14.69 15.45
N SER A 26 20.15 15.33 15.96
CA SER A 26 20.49 16.67 15.51
C SER A 26 20.89 16.68 14.06
N SER A 27 21.29 15.55 13.52
CA SER A 27 21.69 15.51 12.11
C SER A 27 20.54 15.26 11.13
N ASN A 28 19.35 14.80 11.59
CA ASN A 28 18.23 14.63 10.68
C ASN A 28 17.11 15.55 11.12
N VAL A 29 16.26 15.15 12.09
CA VAL A 29 15.14 16.03 12.45
C VAL A 29 15.65 17.40 12.89
N GLY A 30 16.73 17.44 13.68
CA GLY A 30 17.25 18.72 14.17
C GLY A 30 17.79 19.64 13.11
N ASN A 31 18.06 19.14 11.91
CA ASN A 31 18.44 19.98 10.78
C ASN A 31 17.28 20.86 10.30
N GLY A 32 16.04 20.53 10.66
CA GLY A 32 14.93 21.46 10.52
C GLY A 32 14.12 21.43 9.24
N TYR A 33 14.07 20.29 8.51
CA TYR A 33 13.23 20.19 7.30
C TYR A 33 12.61 18.77 7.27
N VAL A 34 11.60 18.59 8.04
CA VAL A 34 10.89 17.32 8.17
C VAL A 34 9.69 17.27 7.24
N SER A 35 9.41 16.05 6.72
CA SER A 35 8.22 15.88 5.87
C SER A 35 7.41 14.72 6.43
N TRP A 36 6.14 14.69 6.07
CA TRP A 36 5.19 13.65 6.47
C TRP A 36 4.41 13.13 5.27
N TYR A 37 4.00 11.86 5.37
CA TYR A 37 3.43 11.11 4.27
C TYR A 37 2.34 10.23 4.82
N GLN A 38 1.27 10.10 4.05
CA GLN A 38 0.11 9.34 4.39
C GLN A 38 -0.01 8.16 3.44
N LEU A 39 -0.14 6.96 3.99
CA LEU A 39 -0.27 5.73 3.20
C LEU A 39 -1.58 5.05 3.55
N ILE A 40 -2.53 5.13 2.64
CA ILE A 40 -3.82 4.46 2.82
C ILE A 40 -3.71 3.11 2.14
N PRO A 41 -4.07 2.00 2.80
CA PRO A 41 -4.02 0.69 2.11
C PRO A 41 -4.75 0.80 0.79
N GLY A 42 -4.08 0.40 -0.27
CA GLY A 42 -4.65 0.40 -1.59
C GLY A 42 -4.25 1.56 -2.46
N SER A 43 -3.85 2.68 -1.84
CA SER A 43 -3.52 3.87 -2.60
C SER A 43 -2.01 4.07 -2.58
N ALA A 44 -1.53 4.91 -3.44
CA ALA A 44 -0.12 5.29 -3.39
C ALA A 44 0.14 6.31 -2.27
N PRO A 45 1.35 6.34 -1.71
CA PRO A 45 1.66 7.36 -0.70
C PRO A 45 1.33 8.76 -1.19
N ARG A 46 1.00 9.63 -0.23
CA ARG A 46 0.61 11.00 -0.48
C ARG A 46 1.44 11.88 0.45
N THR A 47 2.06 12.89 -0.11
CA THR A 47 2.82 13.84 0.71
C THR A 47 1.83 14.75 1.43
N LEU A 48 2.04 14.94 2.73
CA LEU A 48 1.18 15.81 3.54
C LEU A 48 1.83 17.10 3.97
N ILE A 49 3.12 17.03 4.35
CA ILE A 49 3.81 18.12 5.01
C ILE A 49 5.23 18.14 4.50
N TYR A 50 5.76 19.33 4.26
CA TYR A 50 7.18 19.50 3.93
C TYR A 50 7.72 20.71 4.69
N GLY A 51 9.03 20.73 4.90
CA GLY A 51 9.66 21.87 5.62
C GLY A 51 9.09 22.08 7.00
N ASP A 52 8.81 20.97 7.75
CA ASP A 52 8.28 21.03 9.12
C ASP A 52 6.80 21.37 9.14
N THR A 53 6.41 22.49 8.50
CA THR A 53 5.10 23.10 8.77
C THR A 53 4.27 23.33 7.52
N SER A 54 4.85 23.22 6.33
CA SER A 54 4.14 23.61 5.12
C SER A 54 3.27 22.45 4.68
N ARG A 55 2.01 22.74 4.32
CA ARG A 55 1.09 21.72 3.85
C ARG A 55 1.18 21.56 2.34
N ALA A 56 1.14 20.33 1.89
CA ALA A 56 1.07 20.05 0.49
C ALA A 56 -0.32 20.42 -0.04
N SER A 57 -0.42 20.55 -1.35
CA SER A 57 -1.67 20.98 -1.95
C SER A 57 -2.79 19.97 -1.66
N GLY A 58 -3.94 20.47 -1.26
CA GLY A 58 -5.06 19.61 -1.00
C GLY A 58 -5.18 19.15 0.45
N VAL A 59 -4.20 19.47 1.28
CA VAL A 59 -4.18 18.99 2.67
C VAL A 59 -4.95 19.99 3.51
N PRO A 60 -6.02 19.56 4.18
CA PRO A 60 -6.81 20.50 4.96
C PRO A 60 -5.98 21.04 6.09
N ASP A 61 -6.46 22.15 6.67
CA ASP A 61 -5.81 22.80 7.79
C ASP A 61 -5.82 21.97 9.05
N ARG A 62 -6.72 21.00 9.18
CA ARG A 62 -6.70 20.22 10.43
C ARG A 62 -5.49 19.30 10.52
N PHE A 63 -4.72 19.12 9.45
CA PHE A 63 -3.40 18.46 9.51
C PHE A 63 -2.30 19.51 9.68
N SER A 64 -1.60 19.46 10.80
CA SER A 64 -0.51 20.44 11.01
C SER A 64 0.78 19.78 11.50
N GLY A 65 1.89 20.24 10.93
CA GLY A 65 3.21 19.78 11.34
C GLY A 65 3.91 20.78 12.21
N SER A 66 4.71 20.29 13.14
CA SER A 66 5.56 21.16 13.92
C SER A 66 6.81 20.40 14.36
N ARG A 67 7.72 21.15 14.96
CA ARG A 67 9.00 20.61 15.41
C ARG A 67 9.53 21.38 16.59
N SER A 68 10.09 20.65 17.55
CA SER A 68 10.80 21.22 18.70
C SER A 68 12.08 20.41 18.86
N GLY A 69 13.20 20.98 18.44
CA GLY A 69 14.47 20.30 18.56
C GLY A 69 14.54 19.08 17.67
N ASN A 70 14.79 17.93 18.26
CA ASN A 70 14.98 16.70 17.52
C ASN A 70 13.72 15.85 17.41
N THR A 71 12.55 16.39 17.71
CA THR A 71 11.28 15.70 17.66
C THR A 71 10.30 16.56 16.85
N ALA A 72 9.69 15.94 15.85
CA ALA A 72 8.65 16.56 15.06
C ALA A 72 7.33 15.89 15.36
N THR A 73 6.25 16.59 15.07
CA THR A 73 4.94 16.13 15.45
C THR A 73 3.95 16.46 14.36
N LEU A 74 3.18 15.45 13.94
CA LEU A 74 2.01 15.63 13.08
C LEU A 74 0.76 15.61 13.94
N THR A 75 -0.02 16.66 13.89
CA THR A 75 -1.25 16.78 14.67
C THR A 75 -2.42 16.75 13.74
N ILE A 76 -3.38 15.86 13.99
CA ILE A 76 -4.58 15.77 13.20
C ILE A 76 -5.76 16.09 14.11
N SER A 77 -6.44 17.18 13.83
CA SER A 77 -7.63 17.58 14.58
CA SER A 77 -7.62 17.62 14.57
C SER A 77 -8.90 17.19 13.84
N SER A 78 -10.02 17.27 14.56
CA SER A 78 -11.32 16.88 14.02
C SER A 78 -11.23 15.56 13.24
N LEU A 79 -10.80 14.52 13.95
CA LEU A 79 -10.54 13.25 13.30
C LEU A 79 -11.76 12.76 12.55
N GLN A 80 -11.56 12.35 11.31
CA GLN A 80 -12.59 11.78 10.47
C GLN A 80 -12.20 10.36 10.15
N ALA A 81 -13.22 9.57 9.80
CA ALA A 81 -12.98 8.17 9.49
C ALA A 81 -11.94 7.98 8.38
N GLU A 82 -11.91 8.86 7.41
CA GLU A 82 -11.02 8.76 6.27
C GLU A 82 -9.54 9.00 6.63
N ASP A 83 -9.25 9.44 7.85
CA ASP A 83 -7.87 9.65 8.28
C ASP A 83 -7.16 8.36 8.69
N GLU A 84 -7.87 7.24 8.84
CA GLU A 84 -7.17 6.01 9.22
C GLU A 84 -6.18 5.63 8.15
N ALA A 85 -4.93 5.41 8.52
CA ALA A 85 -3.89 5.26 7.53
C ALA A 85 -2.60 5.03 8.29
N ASP A 86 -1.55 4.74 7.54
CA ASP A 86 -0.22 4.70 8.11
C ASP A 86 0.44 6.04 7.83
N TYR A 87 1.05 6.63 8.83
CA TYR A 87 1.74 7.92 8.66
C TYR A 87 3.23 7.72 8.84
N PHE A 88 4.02 8.35 7.97
CA PHE A 88 5.48 8.26 8.03
C PHE A 88 6.09 9.67 7.98
N CYS A 89 7.07 9.91 8.80
CA CYS A 89 7.93 11.09 8.71
C CYS A 89 9.18 10.79 7.92
N ALA A 90 9.89 11.85 7.59
CA ALA A 90 11.12 11.72 6.84
C ALA A 90 11.96 12.96 7.01
N SER A 91 13.26 12.77 6.75
CA SER A 91 14.24 13.84 6.81
C SER A 91 15.48 13.51 6.01
N ALA A 92 16.10 14.53 5.44
CA ALA A 92 17.47 14.37 4.99
C ALA A 92 18.36 14.09 6.16
N GLU A 93 19.49 13.44 5.91
CA GLU A 93 20.51 13.31 6.95
C GLU A 93 21.87 13.66 6.36
N ASP A 94 22.40 14.83 6.78
CA ASP A 94 23.72 15.33 6.42
C ASP A 94 23.90 15.69 4.96
N SER A 95 22.95 15.27 4.12
CA SER A 95 23.01 15.61 2.73
C SER A 95 21.60 15.51 2.20
N SER A 96 21.28 16.31 1.18
CA SER A 96 19.90 16.29 0.66
C SER A 96 19.60 14.98 -0.04
N SER A 97 20.64 14.27 -0.50
CA SER A 97 20.45 12.98 -1.19
C SER A 97 20.37 11.78 -0.23
N ASN A 98 20.57 11.97 1.07
CA ASN A 98 20.56 10.87 2.02
C ASN A 98 19.31 10.99 2.90
N ALA A 99 18.20 10.44 2.44
CA ALA A 99 16.92 10.61 3.11
C ALA A 99 16.69 9.42 4.03
N VAL A 100 16.05 9.68 5.14
CA VAL A 100 15.65 8.63 6.10
C VAL A 100 14.17 8.77 6.45
N PHE A 101 13.49 7.66 6.57
CA PHE A 101 12.08 7.64 6.93
C PHE A 101 11.89 7.16 8.35
N GLY A 102 10.78 7.50 8.91
CA GLY A 102 10.42 7.04 10.21
C GLY A 102 9.89 5.61 10.14
N SER A 103 9.67 5.03 11.30
CA SER A 103 9.26 3.63 11.40
C SER A 103 7.77 3.43 11.12
N GLY A 104 7.00 4.52 11.01
CA GLY A 104 5.59 4.40 10.67
C GLY A 104 4.67 4.33 11.88
N THR A 105 3.48 4.89 11.72
CA THR A 105 2.48 4.92 12.77
C THR A 105 1.13 4.56 12.13
N THR A 106 0.48 3.56 12.67
CA THR A 106 -0.86 3.20 12.24
C THR A 106 -1.84 3.97 13.09
N LEU A 107 -2.67 4.79 12.45
CA LEU A 107 -3.68 5.58 13.13
C LEU A 107 -5.04 4.89 13.07
N THR A 108 -5.67 4.67 14.23
CA THR A 108 -7.00 4.07 14.36
C THR A 108 -7.95 5.15 14.81
N VAL A 109 -9.04 5.36 14.09
CA VAL A 109 -10.06 6.30 14.48
C VAL A 109 -11.21 5.51 15.10
N LEU A 110 -11.52 5.83 16.35
CA LEU A 110 -12.51 5.12 17.14
C LEU A 110 -13.87 5.82 17.13
N GLY A 111 -14.93 5.05 17.46
CA GLY A 111 -16.26 5.61 17.68
C GLY A 111 -17.29 5.29 16.61
N GLN A 112 -16.93 4.59 15.54
CA GLN A 112 -17.97 4.31 14.55
C GLN A 112 -18.90 3.25 15.09
N PRO A 113 -20.08 3.08 14.47
CA PRO A 113 -21.06 2.12 15.00
C PRO A 113 -20.60 0.68 14.86
N LYS A 114 -20.90 -0.12 15.89
CA LYS A 114 -20.75 -1.57 15.81
C LYS A 114 -21.69 -2.15 14.75
N ALA A 115 -21.26 -3.28 14.18
CA ALA A 115 -22.01 -3.86 13.07
C ALA A 115 -21.66 -5.34 12.96
N ALA A 116 -22.69 -6.18 12.93
CA ALA A 116 -22.54 -7.64 12.92
C ALA A 116 -22.21 -8.11 11.50
N PRO A 117 -21.40 -9.15 11.36
CA PRO A 117 -20.99 -9.55 9.99
C PRO A 117 -22.11 -10.13 9.17
N SER A 118 -22.11 -9.82 7.90
CA SER A 118 -22.82 -10.60 6.89
C SER A 118 -21.87 -11.68 6.33
N VAL A 119 -22.38 -12.91 6.20
CA VAL A 119 -21.56 -14.04 5.81
C VAL A 119 -22.18 -14.69 4.57
N THR A 120 -21.38 -14.89 3.54
CA THR A 120 -21.81 -15.61 2.35
C THR A 120 -20.84 -16.76 2.16
N LEU A 121 -21.37 -17.97 1.99
CA LEU A 121 -20.54 -19.16 1.82
C LEU A 121 -20.82 -19.73 0.44
N PHE A 122 -19.80 -19.79 -0.39
CA PHE A 122 -19.96 -20.38 -1.72
C PHE A 122 -19.43 -21.81 -1.76
N PRO A 123 -20.18 -22.76 -2.32
CA PRO A 123 -19.63 -24.09 -2.55
C PRO A 123 -18.69 -24.08 -3.75
N PRO A 124 -17.88 -25.14 -3.94
CA PRO A 124 -17.06 -25.25 -5.17
C PRO A 124 -17.91 -25.06 -6.41
N SER A 125 -17.41 -24.27 -7.35
CA SER A 125 -18.09 -24.08 -8.61
C SER A 125 -18.02 -25.36 -9.47
N SER A 126 -18.99 -25.50 -10.37
CA SER A 126 -18.99 -26.63 -11.29
C SER A 126 -17.71 -26.62 -12.10
N GLU A 127 -17.24 -25.45 -12.50
CA GLU A 127 -16.01 -25.37 -13.30
CA GLU A 127 -16.01 -25.37 -13.30
C GLU A 127 -14.81 -25.88 -12.51
N GLU A 128 -14.73 -25.53 -11.22
CA GLU A 128 -13.58 -26.00 -10.42
C GLU A 128 -13.62 -27.51 -10.20
N LEU A 129 -14.80 -28.06 -9.94
CA LEU A 129 -14.90 -29.51 -9.73
C LEU A 129 -14.48 -30.30 -10.97
N GLN A 130 -14.90 -29.84 -12.16
CA GLN A 130 -14.47 -30.46 -13.43
C GLN A 130 -12.98 -30.33 -13.66
N ALA A 131 -12.31 -29.40 -12.97
CA ALA A 131 -10.86 -29.31 -12.99
C ALA A 131 -10.26 -30.12 -11.87
N ASN A 132 -11.08 -30.96 -11.21
CA ASN A 132 -10.60 -31.85 -10.17
C ASN A 132 -10.11 -31.11 -8.92
N LYS A 133 -10.75 -29.98 -8.59
CA LYS A 133 -10.44 -29.24 -7.36
C LYS A 133 -11.73 -28.82 -6.64
N ALA A 134 -11.61 -28.39 -5.38
CA ALA A 134 -12.79 -27.99 -4.63
C ALA A 134 -12.34 -26.98 -3.58
N THR A 135 -12.88 -25.77 -3.66
CA THR A 135 -12.63 -24.76 -2.66
C THR A 135 -13.97 -24.21 -2.15
N LEU A 136 -14.17 -24.24 -0.84
CA LEU A 136 -15.26 -23.47 -0.24
C LEU A 136 -14.76 -22.08 0.12
N VAL A 137 -15.55 -21.05 -0.23
CA VAL A 137 -15.15 -19.68 -0.04
C VAL A 137 -16.16 -19.01 0.90
N CYS A 138 -15.69 -18.56 2.03
CA CYS A 138 -16.50 -17.90 3.06
C CYS A 138 -16.10 -16.43 3.11
N LEU A 139 -16.99 -15.56 2.66
CA LEU A 139 -16.74 -14.12 2.62
C LEU A 139 -17.53 -13.46 3.76
N ILE A 140 -16.83 -12.61 4.52
CA ILE A 140 -17.35 -11.98 5.74
C ILE A 140 -17.26 -10.49 5.60
N SER A 141 -18.39 -9.78 5.65
CA SER A 141 -18.39 -8.39 5.25
C SER A 141 -19.22 -7.52 6.21
N ASP A 142 -18.91 -6.23 6.16
CA ASP A 142 -19.70 -5.17 6.81
C ASP A 142 -19.77 -5.34 8.32
N PHE A 143 -18.64 -5.65 8.94
CA PHE A 143 -18.62 -5.72 10.38
C PHE A 143 -17.70 -4.66 11.00
N TYR A 144 -17.97 -4.34 12.28
CA TYR A 144 -17.13 -3.46 13.10
C TYR A 144 -17.45 -3.80 14.56
N PRO A 145 -16.46 -3.93 15.44
CA PRO A 145 -15.03 -3.73 15.16
C PRO A 145 -14.41 -4.89 14.37
N GLY A 146 -13.11 -4.75 14.08
CA GLY A 146 -12.44 -5.57 13.09
C GLY A 146 -11.86 -6.87 13.52
N ALA A 147 -12.42 -7.51 14.52
CA ALA A 147 -11.92 -8.74 15.05
C ALA A 147 -12.97 -9.82 14.88
N VAL A 148 -12.61 -10.93 14.26
CA VAL A 148 -13.50 -12.09 14.11
C VAL A 148 -12.66 -13.37 14.26
N THR A 149 -13.34 -14.44 14.56
CA THR A 149 -12.79 -15.78 14.51
C THR A 149 -13.61 -16.59 13.50
N VAL A 150 -12.92 -17.44 12.75
CA VAL A 150 -13.59 -18.24 11.75
C VAL A 150 -13.25 -19.69 12.05
N ALA A 151 -14.26 -20.54 12.08
CA ALA A 151 -14.08 -21.99 12.26
C ALA A 151 -14.88 -22.74 11.20
N TRP A 152 -14.35 -23.85 10.72
CA TRP A 152 -14.96 -24.65 9.69
C TRP A 152 -15.32 -26.00 10.28
N LYS A 153 -16.43 -26.55 9.84
CA LYS A 153 -16.87 -27.87 10.24
C LYS A 153 -17.16 -28.71 8.99
N ALA A 154 -16.83 -29.98 9.05
CA ALA A 154 -17.28 -30.97 8.08
C ALA A 154 -18.33 -31.82 8.79
N ASP A 155 -19.52 -31.92 8.19
CA ASP A 155 -20.71 -32.32 8.94
C ASP A 155 -20.79 -31.46 10.19
N SER A 156 -20.47 -32.02 11.36
CA SER A 156 -20.45 -31.20 12.57
C SER A 156 -19.13 -31.29 13.31
N SER A 157 -18.11 -31.82 12.69
CA SER A 157 -16.81 -31.94 13.31
C SER A 157 -15.83 -30.88 12.79
N PRO A 158 -14.94 -30.43 13.66
CA PRO A 158 -14.00 -29.37 13.25
C PRO A 158 -13.07 -29.81 12.14
N VAL A 159 -12.75 -28.87 11.27
CA VAL A 159 -11.76 -29.05 10.20
C VAL A 159 -10.69 -27.98 10.35
N LYS A 160 -9.42 -28.38 10.44
CA LYS A 160 -8.26 -27.48 10.46
C LYS A 160 -7.37 -27.58 9.21
N ALA A 161 -7.20 -28.77 8.65
CA ALA A 161 -6.38 -28.91 7.46
C ALA A 161 -7.05 -28.19 6.31
N GLY A 162 -6.28 -27.49 5.52
CA GLY A 162 -6.79 -26.89 4.34
C GLY A 162 -7.48 -25.57 4.52
N VAL A 163 -7.40 -24.97 5.71
CA VAL A 163 -7.99 -23.67 5.99
C VAL A 163 -6.98 -22.53 5.83
N GLU A 164 -7.38 -21.49 5.12
CA GLU A 164 -6.63 -20.22 5.08
C GLU A 164 -7.61 -19.09 5.31
N THR A 165 -7.19 -18.10 6.12
CA THR A 165 -8.07 -16.97 6.46
C THR A 165 -7.30 -15.66 6.37
N THR A 166 -7.90 -14.65 5.75
CA THR A 166 -7.24 -13.33 5.69
C THR A 166 -7.53 -12.47 6.91
N THR A 167 -6.59 -11.59 7.20
CA THR A 167 -6.76 -10.62 8.25
C THR A 167 -7.77 -9.57 7.82
N PRO A 168 -8.69 -9.19 8.69
CA PRO A 168 -9.72 -8.22 8.27
C PRO A 168 -9.11 -6.93 7.83
N SER A 169 -9.71 -6.30 6.83
CA SER A 169 -9.27 -4.99 6.38
C SER A 169 -10.48 -4.21 5.92
N LYS A 170 -10.34 -2.90 5.82
CA LYS A 170 -11.50 -2.07 5.64
C LYS A 170 -11.96 -2.12 4.23
N GLN A 171 -13.26 -2.08 4.05
CA GLN A 171 -13.89 -1.87 2.76
C GLN A 171 -13.92 -0.38 2.42
N SER A 172 -14.42 -0.06 1.22
CA SER A 172 -14.62 1.31 0.80
C SER A 172 -15.70 2.03 1.60
N ASN A 173 -16.57 1.34 2.31
CA ASN A 173 -17.58 2.00 3.14
C ASN A 173 -17.16 2.08 4.62
N ASN A 174 -15.92 1.82 4.91
CA ASN A 174 -15.29 1.99 6.22
CA ASN A 174 -15.28 1.98 6.21
C ASN A 174 -15.65 0.88 7.21
N LYS A 175 -16.35 -0.15 6.78
CA LYS A 175 -16.52 -1.33 7.60
C LYS A 175 -15.51 -2.41 7.21
N TYR A 176 -15.40 -3.46 8.04
CA TYR A 176 -14.38 -4.47 7.80
C TYR A 176 -14.93 -5.59 6.95
N ALA A 177 -14.02 -6.32 6.27
CA ALA A 177 -14.35 -7.57 5.62
C ALA A 177 -13.21 -8.53 5.78
N ALA A 178 -13.55 -9.82 5.69
CA ALA A 178 -12.53 -10.87 5.74
C ALA A 178 -13.01 -12.05 4.92
N SER A 179 -12.07 -12.97 4.66
CA SER A 179 -12.35 -14.15 3.82
C SER A 179 -11.66 -15.35 4.42
N SER A 180 -12.27 -16.52 4.22
CA SER A 180 -11.68 -17.76 4.64
C SER A 180 -11.98 -18.82 3.57
N TYR A 181 -11.13 -19.83 3.53
CA TYR A 181 -11.10 -20.81 2.46
C TYR A 181 -10.93 -22.20 3.04
N LEU A 182 -11.64 -23.17 2.49
CA LEU A 182 -11.42 -24.56 2.86
C LEU A 182 -11.17 -25.29 1.56
N SER A 183 -9.94 -25.79 1.39
CA SER A 183 -9.56 -26.53 0.19
C SER A 183 -9.78 -28.01 0.45
N LEU A 184 -10.48 -28.68 -0.46
CA LEU A 184 -10.79 -30.09 -0.36
C LEU A 184 -10.49 -30.76 -1.70
N THR A 185 -10.43 -32.10 -1.71
CA THR A 185 -10.52 -32.80 -2.98
C THR A 185 -11.99 -32.96 -3.34
N PRO A 186 -12.30 -33.15 -4.63
CA PRO A 186 -13.71 -33.43 -5.00
C PRO A 186 -14.30 -34.62 -4.26
N GLU A 187 -13.47 -35.59 -3.90
CA GLU A 187 -13.96 -36.78 -3.22
C GLU A 187 -14.31 -36.45 -1.77
N GLN A 188 -13.47 -35.71 -1.07
CA GLN A 188 -13.82 -35.24 0.27
C GLN A 188 -15.10 -34.42 0.25
N TRP A 189 -15.19 -33.49 -0.69
CA TRP A 189 -16.39 -32.66 -0.82
C TRP A 189 -17.63 -33.54 -0.92
N LYS A 190 -17.58 -34.55 -1.76
CA LYS A 190 -18.75 -35.43 -1.97
C LYS A 190 -18.97 -36.42 -0.82
N SER A 191 -17.99 -36.61 0.04
CA SER A 191 -18.10 -37.66 1.05
C SER A 191 -18.76 -37.18 2.36
N HIS A 192 -19.15 -35.91 2.45
CA HIS A 192 -19.80 -35.42 3.65
C HIS A 192 -21.14 -34.84 3.27
N ARG A 193 -22.04 -34.79 4.25
CA ARG A 193 -23.38 -34.30 3.96
C ARG A 193 -23.45 -32.79 3.95
N SER A 194 -22.63 -32.14 4.74
CA SER A 194 -22.60 -30.68 4.67
C SER A 194 -21.29 -30.14 5.23
N TYR A 195 -21.02 -28.86 4.93
CA TYR A 195 -19.86 -28.13 5.43
C TYR A 195 -20.36 -26.80 5.96
N SER A 196 -19.68 -26.28 7.00
CA SER A 196 -20.10 -25.02 7.55
C SER A 196 -18.91 -24.11 7.78
N CYS A 197 -19.16 -22.82 7.67
CA CYS A 197 -18.25 -21.76 8.07
CA CYS A 197 -18.22 -21.79 8.12
C CYS A 197 -18.92 -20.98 9.20
N GLN A 198 -18.28 -20.86 10.33
CA GLN A 198 -18.90 -20.14 11.45
C GLN A 198 -18.03 -18.97 11.89
N VAL A 199 -18.65 -17.82 11.98
CA VAL A 199 -17.97 -16.55 12.20
C VAL A 199 -18.38 -16.06 13.58
N THR A 200 -17.43 -15.87 14.46
CA THR A 200 -17.70 -15.31 15.79
C THR A 200 -17.25 -13.87 15.84
N HIS A 201 -18.16 -12.99 16.23
CA HIS A 201 -17.96 -11.56 16.33
C HIS A 201 -18.62 -11.07 17.61
N GLU A 202 -17.82 -10.50 18.50
CA GLU A 202 -18.34 -9.90 19.75
C GLU A 202 -19.21 -10.90 20.49
N GLY A 203 -18.68 -12.10 20.68
CA GLY A 203 -19.36 -13.14 21.43
C GLY A 203 -20.55 -13.82 20.76
N SER A 204 -20.97 -13.36 19.56
CA SER A 204 -22.04 -14.04 18.84
CA SER A 204 -22.06 -13.97 18.80
C SER A 204 -21.56 -14.60 17.51
N THR A 205 -22.27 -15.64 17.04
CA THR A 205 -21.81 -16.49 15.96
C THR A 205 -22.85 -16.61 14.86
N VAL A 206 -22.41 -16.42 13.62
CA VAL A 206 -23.20 -16.63 12.42
C VAL A 206 -22.60 -17.85 11.73
N GLU A 207 -23.44 -18.77 11.28
CA GLU A 207 -22.97 -19.95 10.60
C GLU A 207 -23.73 -20.10 9.28
N LYS A 208 -22.97 -20.36 8.20
CA LYS A 208 -23.56 -20.68 6.92
C LYS A 208 -23.16 -22.11 6.56
N THR A 209 -24.07 -22.80 5.86
CA THR A 209 -23.87 -24.20 5.51
C THR A 209 -24.05 -24.41 4.02
N VAL A 210 -23.27 -25.33 3.47
CA VAL A 210 -23.52 -25.75 2.08
C VAL A 210 -23.49 -27.27 2.09
N ALA A 211 -24.04 -27.87 1.02
CA ALA A 211 -24.11 -29.34 0.92
C ALA A 211 -23.91 -29.81 -0.51
N PRO A 212 -23.20 -30.91 -0.69
CA PRO A 212 -22.94 -31.36 -2.06
C PRO A 212 -24.20 -31.72 -2.81
N THR A 213 -25.28 -32.07 -2.12
CA THR A 213 -26.50 -32.53 -2.80
C THR A 213 -27.48 -31.41 -3.04
N GLU A 214 -27.18 -30.18 -2.62
CA GLU A 214 -28.15 -29.10 -2.75
C GLU A 214 -28.04 -28.30 -4.02
N CYS A 215 -26.90 -28.33 -4.67
CA CYS A 215 -26.78 -27.60 -5.96
C CYS A 215 -25.95 -28.40 -6.97
N VAL B 2 2.03 15.45 -12.73
CA VAL B 2 2.90 14.40 -13.24
C VAL B 2 2.31 13.05 -12.84
N GLN B 3 2.52 12.04 -13.68
CA GLN B 3 2.07 10.69 -13.37
C GLN B 3 3.20 9.73 -13.75
N LEU B 4 3.87 9.18 -12.74
CA LEU B 4 5.05 8.34 -12.93
C LEU B 4 4.67 6.86 -13.02
N ARG B 5 5.35 6.11 -13.86
CA ARG B 5 5.01 4.71 -14.11
C ARG B 5 6.23 3.80 -13.96
N GLU B 6 6.16 2.87 -13.04
CA GLU B 6 7.21 1.89 -12.89
C GLU B 6 6.99 0.68 -13.81
N SER B 7 8.07 0.19 -14.41
CA SER B 7 7.94 -1.04 -15.17
C SER B 7 9.20 -1.86 -15.00
N GLY B 8 9.06 -3.15 -15.23
CA GLY B 8 10.12 -4.08 -15.03
C GLY B 8 9.59 -5.42 -14.57
N PRO B 9 10.48 -6.40 -14.45
CA PRO B 9 10.04 -7.76 -14.03
C PRO B 9 9.48 -7.70 -12.61
N SER B 10 8.43 -8.50 -12.40
CA SER B 10 7.82 -8.67 -11.07
C SER B 10 8.54 -9.70 -10.27
N LEU B 11 9.36 -10.53 -10.90
CA LEU B 11 10.01 -11.66 -10.25
C LEU B 11 11.49 -11.71 -10.58
N VAL B 12 12.34 -11.91 -9.57
CA VAL B 12 13.79 -11.81 -9.71
C VAL B 12 14.35 -12.98 -8.93
N LYS B 13 15.28 -13.72 -9.55
CA LYS B 13 15.88 -14.84 -8.81
C LYS B 13 16.96 -14.36 -7.84
N PRO B 14 17.12 -15.04 -6.72
CA PRO B 14 18.15 -14.67 -5.77
C PRO B 14 19.51 -14.62 -6.43
N SER B 15 20.23 -13.53 -6.15
CA SER B 15 21.57 -13.16 -6.63
C SER B 15 21.55 -12.51 -8.00
N GLN B 16 20.42 -12.50 -8.70
CA GLN B 16 20.37 -11.78 -9.96
C GLN B 16 20.12 -10.29 -9.69
N THR B 17 20.10 -9.49 -10.75
CA THR B 17 20.00 -8.05 -10.63
C THR B 17 18.55 -7.64 -10.84
N LEU B 18 18.02 -6.84 -9.92
CA LEU B 18 16.67 -6.31 -10.01
C LEU B 18 16.74 -4.99 -10.76
N SER B 19 16.01 -4.88 -11.89
CA SER B 19 15.99 -3.65 -12.68
C SER B 19 14.58 -3.13 -12.92
N LEU B 20 14.43 -1.84 -12.80
CA LEU B 20 13.17 -1.16 -13.04
C LEU B 20 13.40 0.09 -13.87
N THR B 21 12.35 0.56 -14.50
CA THR B 21 12.37 1.78 -15.29
C THR B 21 11.18 2.63 -14.90
N CYS B 22 11.37 3.94 -14.88
CA CYS B 22 10.32 4.89 -14.56
C CYS B 22 10.09 5.72 -15.80
N THR B 23 8.83 5.88 -16.19
CA THR B 23 8.43 6.68 -17.32
C THR B 23 7.26 7.56 -16.87
N THR B 24 6.91 8.55 -17.70
CA THR B 24 5.75 9.39 -17.42
C THR B 24 4.62 9.11 -18.41
N SER B 25 3.48 9.74 -18.13
CA SER B 25 2.34 9.76 -19.05
C SER B 25 2.40 10.94 -20.01
N GLY B 26 3.52 11.68 -20.05
CA GLY B 26 3.64 12.83 -20.91
C GLY B 26 4.61 13.87 -20.38
N PHE B 27 4.55 14.16 -19.08
CA PHE B 27 5.41 15.19 -18.50
C PHE B 27 6.89 14.86 -18.74
N SER B 28 7.71 15.91 -18.82
CA SER B 28 9.15 15.74 -18.99
C SER B 28 9.83 15.50 -17.65
N LEU B 29 10.78 14.57 -17.64
CA LEU B 29 11.60 14.31 -16.46
C LEU B 29 12.98 14.94 -16.57
N SER B 30 13.24 15.71 -17.62
CA SER B 30 14.59 16.22 -17.83
C SER B 30 14.94 17.33 -16.87
N ASP B 31 13.94 18.07 -16.38
CA ASP B 31 14.16 19.19 -15.46
C ASP B 31 13.86 18.83 -14.01
N LYS B 32 13.59 17.56 -13.72
CA LYS B 32 13.21 17.14 -12.37
C LYS B 32 14.19 16.11 -11.82
N THR B 33 14.28 16.06 -10.50
CA THR B 33 15.01 15.01 -9.81
C THR B 33 14.07 13.81 -9.55
N VAL B 34 14.51 12.63 -9.98
CA VAL B 34 13.75 11.40 -9.90
C VAL B 34 14.41 10.49 -8.87
N GLY B 35 13.61 9.96 -7.93
CA GLY B 35 14.13 9.10 -6.88
C GLY B 35 13.35 7.79 -6.81
N TRP B 36 13.93 6.84 -6.10
CA TRP B 36 13.33 5.53 -5.87
C TRP B 36 13.20 5.26 -4.39
N VAL B 37 12.00 4.82 -3.99
CA VAL B 37 11.68 4.46 -2.62
C VAL B 37 11.08 3.06 -2.66
N ARG B 38 11.30 2.26 -1.61
CA ARG B 38 10.68 0.94 -1.57
C ARG B 38 10.10 0.69 -0.19
N GLN B 39 9.17 -0.26 -0.14
CA GLN B 39 8.58 -0.68 1.12
C GLN B 39 8.33 -2.17 1.08
N ALA B 40 9.04 -2.91 1.88
CA ALA B 40 8.81 -4.32 2.05
C ALA B 40 7.57 -4.56 2.87
N PRO B 41 6.95 -5.74 2.74
CA PRO B 41 5.72 -6.02 3.49
C PRO B 41 5.94 -5.84 4.99
N GLY B 42 5.07 -5.03 5.59
CA GLY B 42 5.13 -4.78 7.02
C GLY B 42 6.29 -3.95 7.53
N ARG B 43 7.18 -3.46 6.65
CA ARG B 43 8.30 -2.63 7.05
C ARG B 43 8.10 -1.16 6.66
N ALA B 44 9.05 -0.34 7.05
CA ALA B 44 8.94 1.09 6.83
C ALA B 44 9.39 1.41 5.41
N LEU B 45 8.98 2.57 4.91
CA LEU B 45 9.55 3.10 3.68
C LEU B 45 11.07 3.18 3.81
N GLU B 46 11.76 2.89 2.74
CA GLU B 46 13.19 3.03 2.68
C GLU B 46 13.62 3.77 1.42
N TRP B 47 14.48 4.77 1.60
CA TRP B 47 15.02 5.50 0.48
C TRP B 47 16.12 4.72 -0.23
N LEU B 48 16.10 4.76 -1.56
CA LEU B 48 17.16 4.11 -2.34
C LEU B 48 18.15 5.12 -2.91
N GLY B 49 17.67 6.03 -3.74
CA GLY B 49 18.56 7.01 -4.33
C GLY B 49 17.82 7.88 -5.31
N SER B 50 18.55 8.82 -5.89
CA SER B 50 17.97 9.72 -6.87
C SER B 50 19.03 10.14 -7.89
N ILE B 51 18.56 10.73 -8.98
CA ILE B 51 19.41 11.33 -9.99
C ILE B 51 18.81 12.68 -10.41
N ASP B 52 19.65 13.73 -10.43
CA ASP B 52 19.12 15.05 -10.70
C ASP B 52 19.20 15.36 -12.19
N SER B 53 18.71 16.56 -12.55
CA SER B 53 18.64 16.96 -13.97
C SER B 53 20.00 16.92 -14.63
N SER B 54 21.05 17.24 -13.89
CA SER B 54 22.40 17.26 -14.44
C SER B 54 23.00 15.86 -14.57
N GLY B 55 22.32 14.81 -14.06
CA GLY B 55 22.86 13.46 -14.07
C GLY B 55 23.64 13.06 -12.83
N THR B 56 23.70 13.90 -11.80
CA THR B 56 24.34 13.52 -10.55
C THR B 56 23.43 12.63 -9.71
N THR B 57 24.00 11.57 -9.16
CA THR B 57 23.28 10.56 -8.41
C THR B 57 23.63 10.69 -6.93
N GLY B 58 22.69 10.32 -6.09
CA GLY B 58 22.89 10.17 -4.66
C GLY B 58 22.20 8.95 -4.14
N TYR B 59 22.84 8.18 -3.30
CA TYR B 59 22.31 6.90 -2.89
C TYR B 59 22.19 6.85 -1.37
N ASN B 60 21.37 5.93 -0.90
CA ASN B 60 21.36 5.54 0.49
C ASN B 60 22.71 4.94 0.81
N SER B 61 23.37 5.52 1.82
CA SER B 61 24.70 5.07 2.21
C SER B 61 24.76 3.57 2.38
N ASP B 62 23.77 3.01 3.07
CA ASP B 62 23.79 1.57 3.34
CA ASP B 62 23.77 1.57 3.35
C ASP B 62 23.66 0.70 2.10
N LEU B 63 23.28 1.27 0.95
CA LEU B 63 23.08 0.51 -0.26
C LEU B 63 23.87 1.07 -1.44
N LYS B 64 24.76 2.06 -1.20
CA LYS B 64 25.45 2.71 -2.30
C LYS B 64 26.23 1.70 -3.15
N PHE B 65 26.69 0.62 -2.55
CA PHE B 65 27.54 -0.33 -3.26
C PHE B 65 26.74 -1.28 -4.15
N ARG B 66 25.43 -1.35 -3.99
CA ARG B 66 24.59 -2.26 -4.78
C ARG B 66 23.72 -1.55 -5.80
N LEU B 67 23.65 -0.25 -5.79
CA LEU B 67 22.67 0.49 -6.56
C LEU B 67 23.29 1.21 -7.74
N GLN B 68 22.51 1.35 -8.80
CA GLN B 68 22.88 2.18 -9.94
C GLN B 68 21.64 2.80 -10.55
N ILE B 69 21.60 4.13 -10.60
CA ILE B 69 20.48 4.86 -11.17
C ILE B 69 21.01 5.61 -12.37
N THR B 70 20.31 5.50 -13.50
CA THR B 70 20.69 6.10 -14.77
C THR B 70 19.53 6.86 -15.38
N LYS B 71 19.86 7.91 -16.13
CA LYS B 71 18.85 8.76 -16.76
C LYS B 71 19.01 8.64 -18.26
N TYR B 72 17.88 8.68 -18.97
CA TYR B 72 17.86 8.68 -20.45
C TYR B 72 16.92 9.79 -20.89
N ASN B 73 17.44 11.01 -21.03
CA ASN B 73 16.61 12.14 -21.42
C ASN B 73 15.86 11.87 -22.71
N SER B 74 16.51 11.21 -23.67
CA SER B 74 15.91 11.03 -25.00
C SER B 74 14.67 10.13 -24.92
N GLU B 75 14.69 9.12 -24.05
CA GLU B 75 13.53 8.28 -23.84
C GLU B 75 12.65 8.77 -22.70
N ASN B 76 13.01 9.87 -22.02
CA ASN B 76 12.23 10.37 -20.89
C ASN B 76 12.09 9.28 -19.81
N GLN B 77 13.21 8.62 -19.53
CA GLN B 77 13.23 7.46 -18.69
C GLN B 77 14.33 7.57 -17.66
N VAL B 78 14.09 6.95 -16.50
CA VAL B 78 15.08 6.78 -15.46
C VAL B 78 15.06 5.31 -15.05
N SER B 79 16.24 4.71 -14.92
CA SER B 79 16.32 3.29 -14.58
C SER B 79 17.00 3.12 -13.21
N LEU B 80 16.73 1.97 -12.60
CA LEU B 80 17.27 1.56 -11.35
C LEU B 80 17.75 0.15 -11.51
N SER B 81 18.89 -0.15 -10.89
CA SER B 81 19.42 -1.49 -10.82
C SER B 81 19.94 -1.77 -9.43
N LEU B 82 19.63 -2.95 -8.92
CA LEU B 82 20.06 -3.42 -7.61
C LEU B 82 20.67 -4.79 -7.77
N ILE B 83 21.98 -4.91 -7.58
CA ILE B 83 22.67 -6.19 -7.76
C ILE B 83 22.52 -7.07 -6.53
N GLY B 84 22.73 -8.37 -6.73
CA GLY B 84 22.69 -9.29 -5.62
C GLY B 84 21.38 -9.37 -4.87
N ALA B 85 20.30 -9.53 -5.61
CA ALA B 85 18.98 -9.59 -4.98
C ALA B 85 18.84 -10.72 -3.98
N THR B 86 18.17 -10.41 -2.85
CA THR B 86 17.79 -11.42 -1.85
C THR B 86 16.34 -11.21 -1.50
N THR B 87 15.79 -12.12 -0.68
CA THR B 87 14.40 -11.98 -0.25
C THR B 87 14.16 -10.69 0.55
N ALA B 88 15.18 -10.10 1.10
CA ALA B 88 15.05 -8.83 1.78
C ALA B 88 14.75 -7.71 0.80
N ASP B 89 14.95 -7.93 -0.49
CA ASP B 89 14.71 -6.94 -1.51
C ASP B 89 13.33 -7.06 -2.09
N SER B 90 12.56 -8.10 -1.72
CA SER B 90 11.15 -8.12 -2.07
C SER B 90 10.41 -6.93 -1.46
N ALA B 91 9.69 -6.17 -2.30
CA ALA B 91 9.16 -4.92 -1.85
C ALA B 91 8.33 -4.31 -2.95
N THR B 92 7.51 -3.35 -2.58
CA THR B 92 6.94 -2.42 -3.55
C THR B 92 7.93 -1.29 -3.82
N TYR B 93 8.26 -1.05 -5.09
CA TYR B 93 9.23 -0.05 -5.54
C TYR B 93 8.46 1.09 -6.14
N TYR B 94 8.70 2.32 -5.68
CA TYR B 94 8.03 3.51 -6.17
C TYR B 94 9.08 4.39 -6.84
N CYS B 95 8.75 4.95 -7.98
CA CYS B 95 9.51 6.07 -8.48
C CYS B 95 8.79 7.34 -8.10
N THR B 96 9.56 8.38 -7.88
CA THR B 96 9.07 9.65 -7.36
C THR B 96 9.81 10.78 -8.03
N THR B 97 9.24 11.96 -7.95
CA THR B 97 10.00 13.19 -8.14
C THR B 97 10.23 13.75 -6.75
N VAL B 98 11.42 14.32 -6.53
CA VAL B 98 11.77 14.80 -5.20
C VAL B 98 12.29 16.23 -5.29
N HIS B 99 12.05 16.95 -4.21
CA HIS B 99 12.75 18.18 -3.89
C HIS B 99 13.98 17.81 -3.08
N GLN B 100 15.15 18.18 -3.58
CA GLN B 100 16.44 17.84 -2.95
C GLN B 100 17.38 19.03 -3.14
N GLN B 101 17.79 19.69 -2.05
CA GLN B 101 18.75 20.77 -2.14
C GLN B 101 19.25 21.16 -0.76
N THR B 102 20.45 21.76 -0.74
CA THR B 102 21.05 22.22 0.51
C THR B 102 20.93 23.74 0.51
N ARG B 103 20.08 24.27 1.34
CA ARG B 103 19.90 25.72 1.46
C ARG B 103 20.93 26.29 2.44
N LYS B 104 21.63 27.34 2.00
CA LYS B 104 22.58 28.06 2.85
C LYS B 104 21.90 29.31 3.36
N SER B 105 22.06 29.59 4.63
CA SER B 105 21.50 30.79 5.24
C SER B 105 22.48 31.38 6.26
N CYS B 106 22.31 32.67 6.55
CA CYS B 106 23.20 33.22 7.58
C CYS B 106 22.52 33.26 8.95
N PRO B 107 23.26 33.12 10.04
CA PRO B 107 22.69 33.37 11.36
C PRO B 107 22.11 34.77 11.47
N GLY B 108 21.18 34.91 12.41
CA GLY B 108 20.47 36.16 12.61
C GLY B 108 21.42 37.32 12.83
N GLY B 109 21.21 38.40 12.09
CA GLY B 109 22.04 39.58 12.19
C GLY B 109 23.27 39.57 11.32
N TYR B 110 23.50 38.50 10.55
CA TYR B 110 24.62 38.44 9.64
C TYR B 110 24.10 38.57 8.22
N THR B 111 25.02 38.82 7.31
CA THR B 111 24.71 39.02 5.89
C THR B 111 25.72 38.26 5.07
N PHE B 112 25.26 37.68 3.98
CA PHE B 112 26.17 37.04 3.04
C PHE B 112 27.12 38.05 2.43
N GLY B 113 28.37 37.62 2.25
CA GLY B 113 29.36 38.46 1.59
C GLY B 113 28.89 39.10 0.30
N TYR B 114 28.15 38.35 -0.51
CA TYR B 114 27.64 38.92 -1.75
C TYR B 114 26.77 40.16 -1.48
N ASP B 115 25.85 40.07 -0.50
CA ASP B 115 25.02 41.23 -0.22
C ASP B 115 25.80 42.38 0.41
N CYS B 116 27.04 42.19 0.76
CA CYS B 116 27.92 43.23 1.27
C CYS B 116 28.76 43.88 0.19
N GLY B 117 28.61 43.48 -1.04
CA GLY B 117 29.48 43.97 -2.08
C GLY B 117 30.68 43.10 -2.36
N PHE B 118 30.86 42.00 -1.60
CA PHE B 118 32.04 41.15 -1.73
C PHE B 118 31.66 40.09 -2.75
N HIS B 119 31.97 40.37 -4.03
CA HIS B 119 31.53 39.52 -5.14
C HIS B 119 32.54 38.45 -5.49
N GLY B 120 33.75 38.52 -4.95
CA GLY B 120 34.73 37.47 -5.17
C GLY B 120 34.99 36.62 -3.94
N TRP B 121 36.13 36.85 -3.30
CA TRP B 121 36.48 36.14 -2.08
C TRP B 121 35.50 36.52 -0.96
N GLY B 122 34.95 35.49 -0.29
CA GLY B 122 34.07 35.72 0.82
C GLY B 122 32.63 35.98 0.47
N SER B 123 32.26 35.95 -0.81
CA SER B 123 30.89 36.22 -1.20
C SER B 123 29.89 35.23 -0.60
N ASP B 124 30.35 34.04 -0.20
CA ASP B 124 29.46 33.01 0.34
C ASP B 124 29.62 32.83 1.85
N ASP B 125 30.38 33.70 2.51
CA ASP B 125 30.48 33.70 3.97
C ASP B 125 29.51 34.72 4.57
N CYS B 126 29.36 34.64 5.89
CA CYS B 126 28.39 35.44 6.62
C CYS B 126 29.13 36.47 7.48
N TYR B 127 28.76 37.72 7.34
CA TYR B 127 29.43 38.83 7.98
C TYR B 127 28.46 39.57 8.89
N PRO B 128 28.89 40.00 10.07
CA PRO B 128 27.97 40.78 10.95
C PRO B 128 27.69 42.17 10.39
N ASP B 129 28.59 42.71 9.58
CA ASP B 129 28.39 43.95 8.86
C ASP B 129 29.27 43.91 7.62
N CYS B 130 29.19 44.97 6.81
CA CYS B 130 29.93 45.02 5.56
C CYS B 130 31.18 45.91 5.59
N SER B 131 31.79 46.01 6.76
CA SER B 131 32.91 46.95 6.95
C SER B 131 34.20 46.45 6.31
N ASP B 132 34.46 45.14 6.38
CA ASP B 132 35.75 44.62 5.96
C ASP B 132 35.63 43.18 5.43
N ILE B 133 36.10 42.97 4.21
CA ILE B 133 36.06 41.65 3.61
C ILE B 133 36.89 40.65 4.42
N LEU B 134 37.86 41.13 5.18
CA LEU B 134 38.70 40.30 6.03
C LEU B 134 38.25 40.35 7.50
N ASN B 135 37.00 40.71 7.74
CA ASN B 135 36.50 40.81 9.10
C ASN B 135 36.74 39.49 9.83
N SER B 136 37.36 39.61 11.01
CA SER B 136 37.68 38.43 11.80
C SER B 136 36.45 37.77 12.38
N ASP B 137 35.32 38.49 12.46
CA ASP B 137 34.07 37.92 12.96
C ASP B 137 33.23 37.24 11.89
N VAL B 138 33.83 36.90 10.76
CA VAL B 138 33.10 36.20 9.72
C VAL B 138 32.84 34.77 10.18
N VAL B 139 31.71 34.20 9.73
CA VAL B 139 31.32 32.84 10.08
C VAL B 139 30.80 32.15 8.83
N GLY B 140 30.81 30.81 8.86
CA GLY B 140 30.32 30.04 7.76
C GLY B 140 28.81 29.97 7.75
N PRO B 141 28.22 29.64 6.60
CA PRO B 141 26.74 29.58 6.51
C PRO B 141 26.18 28.36 7.22
N ILE B 142 24.94 28.47 7.65
CA ILE B 142 24.18 27.33 8.15
C ILE B 142 23.64 26.52 6.98
N ASP B 143 23.90 25.21 6.99
CA ASP B 143 23.39 24.29 5.97
C ASP B 143 22.08 23.66 6.45
N THR B 144 21.03 23.80 5.64
CA THR B 144 19.76 23.09 5.84
C THR B 144 19.58 22.12 4.67
N HIS B 145 19.65 20.82 4.94
CA HIS B 145 19.43 19.83 3.88
C HIS B 145 17.95 19.58 3.72
N GLU B 146 17.42 19.88 2.54
CA GLU B 146 15.98 19.90 2.28
C GLU B 146 15.63 18.70 1.42
N PHE B 147 14.75 17.85 1.92
CA PHE B 147 14.27 16.69 1.18
C PHE B 147 12.77 16.60 1.33
N HIS B 148 12.06 16.40 0.20
CA HIS B 148 10.72 15.83 0.31
C HIS B 148 10.34 15.26 -1.03
N VAL B 149 9.35 14.33 -1.00
CA VAL B 149 8.80 13.72 -2.19
C VAL B 149 7.66 14.59 -2.71
N ASP B 150 7.77 15.04 -3.96
CA ASP B 150 6.74 15.83 -4.61
C ASP B 150 5.67 14.92 -5.20
N ALA B 151 6.06 14.01 -6.11
CA ALA B 151 5.08 13.12 -6.74
C ALA B 151 5.47 11.68 -6.53
N TRP B 152 4.45 10.82 -6.42
CA TRP B 152 4.64 9.40 -6.17
C TRP B 152 4.01 8.58 -7.30
N GLY B 153 4.70 7.56 -7.77
CA GLY B 153 4.11 6.56 -8.62
C GLY B 153 3.20 5.64 -7.82
N GLN B 154 2.55 4.72 -8.54
CA GLN B 154 1.66 3.75 -7.91
C GLN B 154 2.41 2.61 -7.25
N GLY B 155 3.66 2.41 -7.61
CA GLY B 155 4.39 1.29 -7.04
C GLY B 155 4.32 0.01 -7.86
N LEU B 156 5.42 -0.75 -7.90
CA LEU B 156 5.44 -2.03 -8.58
C LEU B 156 5.97 -3.03 -7.57
N LEU B 157 5.19 -4.06 -7.29
CA LEU B 157 5.65 -5.09 -6.35
C LEU B 157 6.64 -6.00 -7.07
N VAL B 158 7.79 -6.26 -6.45
CA VAL B 158 8.83 -7.10 -7.02
C VAL B 158 9.10 -8.16 -5.97
N THR B 159 9.06 -9.42 -6.38
CA THR B 159 9.32 -10.52 -5.49
C THR B 159 10.63 -11.16 -5.88
N VAL B 160 11.42 -11.53 -4.89
CA VAL B 160 12.69 -12.21 -5.10
C VAL B 160 12.51 -13.64 -4.68
N SER B 161 12.61 -14.58 -5.61
CA SER B 161 12.32 -15.97 -5.27
C SER B 161 12.83 -16.83 -6.42
N SER B 162 13.14 -18.06 -6.10
CA SER B 162 13.48 -19.04 -7.14
C SER B 162 12.27 -19.79 -7.71
N ALA B 163 11.09 -19.68 -7.10
CA ALA B 163 9.87 -20.26 -7.67
C ALA B 163 9.52 -19.58 -8.97
N SER B 164 8.72 -20.26 -9.79
CA SER B 164 8.42 -19.77 -11.13
C SER B 164 7.06 -19.11 -11.22
N THR B 165 6.93 -18.15 -12.14
CA THR B 165 5.67 -17.47 -12.40
C THR B 165 4.58 -18.50 -12.66
N LYS B 166 3.36 -18.17 -12.23
CA LYS B 166 2.19 -18.95 -12.62
C LYS B 166 1.01 -18.00 -12.71
N GLY B 167 0.34 -18.02 -13.85
CA GLY B 167 -0.86 -17.25 -14.10
C GLY B 167 -2.02 -17.88 -13.36
N PRO B 168 -3.08 -17.09 -13.08
CA PRO B 168 -4.21 -17.55 -12.27
C PRO B 168 -5.26 -18.31 -13.06
N SER B 169 -5.96 -19.18 -12.35
CA SER B 169 -7.21 -19.80 -12.79
C SER B 169 -8.36 -19.04 -12.12
N VAL B 170 -9.35 -18.62 -12.88
CA VAL B 170 -10.43 -17.79 -12.36
C VAL B 170 -11.72 -18.58 -12.42
N PHE B 171 -12.42 -18.65 -11.30
CA PHE B 171 -13.64 -19.45 -11.13
C PHE B 171 -14.78 -18.58 -10.61
N PRO B 172 -16.00 -18.78 -11.07
CA PRO B 172 -17.10 -17.91 -10.63
C PRO B 172 -17.61 -18.28 -9.25
N LEU B 173 -18.06 -17.26 -8.52
CA LEU B 173 -18.71 -17.43 -7.21
C LEU B 173 -20.12 -16.95 -7.50
N ALA B 174 -20.95 -17.88 -7.86
CA ALA B 174 -22.22 -17.49 -8.46
C ALA B 174 -23.27 -17.30 -7.36
N PRO B 175 -24.16 -16.34 -7.53
CA PRO B 175 -25.25 -16.18 -6.59
C PRO B 175 -26.28 -17.28 -6.83
N SER B 176 -26.97 -17.68 -5.76
CA SER B 176 -27.95 -18.75 -5.77
C SER B 176 -29.18 -18.31 -5.00
N SER B 177 -30.26 -19.05 -5.22
CA SER B 177 -31.56 -18.74 -4.63
C SER B 177 -31.48 -18.63 -3.12
N LYS B 178 -30.71 -19.50 -2.46
CA LYS B 178 -30.52 -19.41 -1.03
C LYS B 178 -29.55 -18.33 -0.57
N SER B 179 -28.69 -17.82 -1.42
CA SER B 179 -27.60 -16.94 -0.96
CA SER B 179 -27.60 -16.94 -0.96
C SER B 179 -27.82 -15.43 -1.13
N THR B 180 -29.01 -14.96 -1.46
CA THR B 180 -29.26 -13.53 -1.60
C THR B 180 -29.51 -12.84 -0.24
N SER B 181 -29.70 -11.55 -0.25
CA SER B 181 -30.04 -10.75 0.95
C SER B 181 -31.18 -9.82 0.59
N GLY B 182 -32.32 -10.39 0.29
CA GLY B 182 -33.45 -9.56 -0.07
C GLY B 182 -33.20 -8.83 -1.35
N GLY B 183 -33.16 -7.51 -1.24
CA GLY B 183 -33.00 -6.66 -2.41
C GLY B 183 -31.64 -6.76 -3.07
N THR B 184 -30.63 -7.26 -2.38
CA THR B 184 -29.27 -7.32 -2.89
C THR B 184 -28.75 -8.75 -2.91
N ALA B 185 -27.75 -8.97 -3.73
CA ALA B 185 -27.10 -10.25 -3.88
C ALA B 185 -25.60 -10.08 -4.06
N ALA B 186 -24.83 -10.96 -3.44
CA ALA B 186 -23.39 -11.00 -3.58
C ALA B 186 -23.01 -11.97 -4.67
N LEU B 187 -22.07 -11.56 -5.51
CA LEU B 187 -21.47 -12.48 -6.47
C LEU B 187 -19.99 -12.15 -6.58
N GLY B 188 -19.21 -13.13 -7.04
CA GLY B 188 -17.79 -12.95 -6.96
C GLY B 188 -17.02 -13.76 -7.95
N CYS B 189 -15.71 -13.69 -7.80
CA CYS B 189 -14.73 -14.44 -8.58
C CYS B 189 -13.67 -14.93 -7.64
N LEU B 190 -13.29 -16.18 -7.81
CA LEU B 190 -12.19 -16.79 -7.10
C LEU B 190 -11.02 -16.87 -8.07
N VAL B 191 -9.92 -16.31 -7.67
CA VAL B 191 -8.70 -16.17 -8.48
C VAL B 191 -7.68 -17.07 -7.84
N LYS B 192 -7.44 -18.25 -8.43
CA LYS B 192 -6.71 -19.30 -7.75
C LYS B 192 -5.29 -19.48 -8.28
N ASP B 193 -4.39 -19.77 -7.35
CA ASP B 193 -3.09 -20.40 -7.64
C ASP B 193 -2.21 -19.61 -8.62
N TYR B 194 -1.85 -18.39 -8.21
CA TYR B 194 -0.97 -17.57 -8.99
C TYR B 194 0.30 -17.24 -8.21
N PHE B 195 1.33 -16.80 -8.94
CA PHE B 195 2.62 -16.44 -8.36
C PHE B 195 3.36 -15.60 -9.39
N PRO B 196 4.01 -14.51 -8.99
CA PRO B 196 3.96 -13.91 -7.67
C PRO B 196 2.74 -13.11 -7.51
N GLU B 197 2.62 -12.37 -6.39
CA GLU B 197 1.63 -11.29 -6.29
C GLU B 197 2.06 -10.18 -7.21
N PRO B 198 1.17 -9.29 -7.60
CA PRO B 198 -0.23 -9.26 -7.18
C PRO B 198 -1.24 -9.51 -8.31
N VAL B 199 -2.49 -9.73 -7.91
CA VAL B 199 -3.67 -9.66 -8.78
C VAL B 199 -4.50 -8.46 -8.38
N THR B 200 -5.05 -7.77 -9.37
CA THR B 200 -6.09 -6.79 -9.18
C THR B 200 -7.32 -7.20 -9.98
N VAL B 201 -8.49 -6.79 -9.48
CA VAL B 201 -9.78 -7.20 -10.04
C VAL B 201 -10.70 -6.02 -10.17
N SER B 202 -11.31 -5.83 -11.32
CA SER B 202 -12.40 -4.90 -11.47
C SER B 202 -13.64 -5.65 -11.91
N TRP B 203 -14.79 -4.94 -12.00
CA TRP B 203 -16.06 -5.54 -12.44
C TRP B 203 -16.67 -4.76 -13.60
N ASN B 204 -17.13 -5.48 -14.62
CA ASN B 204 -17.72 -4.87 -15.80
C ASN B 204 -16.86 -3.71 -16.29
N SER B 205 -15.55 -3.96 -16.32
CA SER B 205 -14.58 -3.03 -16.90
C SER B 205 -14.61 -1.67 -16.20
N GLY B 206 -14.94 -1.66 -14.92
CA GLY B 206 -14.96 -0.41 -14.16
C GLY B 206 -16.28 0.29 -14.13
N ALA B 207 -17.28 -0.19 -14.86
CA ALA B 207 -18.58 0.45 -14.81
C ALA B 207 -19.32 0.12 -13.52
N LEU B 208 -18.88 -0.89 -12.76
CA LEU B 208 -19.47 -1.30 -11.49
C LEU B 208 -18.41 -1.12 -10.41
N THR B 209 -18.62 -0.13 -9.55
CA THR B 209 -17.63 0.17 -8.50
C THR B 209 -18.27 0.18 -7.12
N SER B 210 -19.53 0.56 -7.01
CA SER B 210 -20.22 0.48 -5.72
C SER B 210 -20.43 -0.98 -5.34
N GLY B 211 -20.09 -1.33 -4.10
CA GLY B 211 -20.28 -2.69 -3.63
C GLY B 211 -19.09 -3.61 -3.83
N VAL B 212 -18.01 -3.14 -4.46
CA VAL B 212 -16.90 -4.01 -4.87
C VAL B 212 -15.89 -4.11 -3.73
N HIS B 213 -15.50 -5.32 -3.39
CA HIS B 213 -14.35 -5.46 -2.52
C HIS B 213 -13.43 -6.59 -3.00
N THR B 214 -12.14 -6.30 -3.19
CA THR B 214 -11.19 -7.36 -3.48
C THR B 214 -10.35 -7.65 -2.25
N PHE B 215 -10.35 -8.89 -1.83
CA PHE B 215 -9.75 -9.30 -0.60
C PHE B 215 -8.25 -9.49 -0.79
N PRO B 216 -7.49 -9.38 0.29
CA PRO B 216 -6.07 -9.72 0.24
C PRO B 216 -5.89 -11.19 -0.08
N ALA B 217 -4.68 -11.54 -0.50
CA ALA B 217 -4.41 -12.89 -0.93
C ALA B 217 -4.09 -13.77 0.25
N VAL B 218 -4.36 -15.07 0.09
CA VAL B 218 -3.84 -16.06 1.02
C VAL B 218 -2.72 -16.82 0.33
N LEU B 219 -1.75 -17.26 1.11
CA LEU B 219 -0.63 -18.05 0.63
C LEU B 219 -0.88 -19.48 1.03
N GLN B 220 -0.99 -20.36 0.04
CA GLN B 220 -1.30 -21.79 0.28
C GLN B 220 0.01 -22.53 0.53
N SER B 221 -0.05 -23.80 0.94
CA SER B 221 1.14 -24.64 1.24
C SER B 221 1.96 -24.87 -0.03
N SER B 222 1.32 -24.90 -1.19
CA SER B 222 2.02 -25.03 -2.47
C SER B 222 2.90 -23.83 -2.80
N GLY B 223 2.84 -22.74 -2.02
CA GLY B 223 3.53 -21.50 -2.39
C GLY B 223 2.81 -20.65 -3.40
N LEU B 224 1.60 -20.99 -3.77
CA LEU B 224 0.81 -20.20 -4.69
C LEU B 224 -0.27 -19.44 -3.93
N TYR B 225 -0.55 -18.21 -4.37
CA TYR B 225 -1.55 -17.33 -3.77
C TYR B 225 -2.93 -17.56 -4.43
N SER B 226 -3.97 -17.17 -3.70
CA SER B 226 -5.32 -17.06 -4.16
C SER B 226 -6.00 -15.89 -3.48
N LEU B 227 -6.93 -15.25 -4.17
CA LEU B 227 -7.81 -14.26 -3.53
C LEU B 227 -9.19 -14.35 -4.16
N SER B 228 -10.12 -13.58 -3.62
CA SER B 228 -11.45 -13.44 -4.11
C SER B 228 -11.80 -11.96 -4.26
N SER B 229 -12.73 -11.71 -5.12
CA SER B 229 -13.33 -10.41 -5.27
C SER B 229 -14.83 -10.58 -5.28
N VAL B 230 -15.55 -9.61 -4.69
CA VAL B 230 -16.99 -9.73 -4.52
C VAL B 230 -17.63 -8.42 -4.86
N VAL B 231 -18.83 -8.49 -5.39
CA VAL B 231 -19.61 -7.28 -5.63
C VAL B 231 -21.05 -7.51 -5.19
N THR B 232 -21.70 -6.48 -4.68
CA THR B 232 -23.10 -6.50 -4.26
C THR B 232 -23.91 -5.76 -5.32
N VAL B 233 -24.92 -6.46 -5.85
CA VAL B 233 -25.75 -5.97 -6.93
C VAL B 233 -27.22 -6.19 -6.58
N PRO B 234 -28.14 -5.52 -7.26
CA PRO B 234 -29.55 -5.78 -7.00
C PRO B 234 -29.95 -7.18 -7.40
N SER B 235 -30.70 -7.82 -6.51
CA SER B 235 -31.14 -9.17 -6.78
CA SER B 235 -31.15 -9.17 -6.77
C SER B 235 -32.08 -9.21 -7.98
N SER B 236 -32.84 -8.16 -8.22
CA SER B 236 -33.75 -8.15 -9.36
C SER B 236 -33.01 -8.24 -10.70
N SER B 237 -31.78 -7.75 -10.76
CA SER B 237 -31.06 -7.68 -12.04
C SER B 237 -30.38 -8.99 -12.43
N LEU B 238 -30.48 -10.04 -11.62
CA LEU B 238 -29.64 -11.21 -11.85
C LEU B 238 -30.00 -11.96 -13.14
N GLY B 239 -31.25 -11.92 -13.56
CA GLY B 239 -31.58 -12.57 -14.82
C GLY B 239 -31.25 -11.79 -16.09
N THR B 240 -30.97 -10.51 -15.98
CA THR B 240 -30.87 -9.65 -17.15
C THR B 240 -29.51 -8.96 -17.30
N GLN B 241 -28.89 -8.49 -16.22
CA GLN B 241 -27.63 -7.77 -16.29
C GLN B 241 -26.46 -8.75 -16.28
N THR B 242 -25.54 -8.57 -17.19
CA THR B 242 -24.35 -9.39 -17.24
C THR B 242 -23.29 -8.87 -16.26
N TYR B 243 -22.70 -9.76 -15.50
CA TYR B 243 -21.62 -9.45 -14.56
C TYR B 243 -20.36 -10.22 -14.94
N ILE B 244 -19.25 -9.50 -15.10
CA ILE B 244 -17.97 -10.05 -15.54
C ILE B 244 -16.94 -9.54 -14.58
N CYS B 245 -16.13 -10.40 -14.03
CA CYS B 245 -14.96 -9.86 -13.33
C CYS B 245 -13.71 -9.80 -14.25
N ASN B 246 -12.98 -8.69 -14.22
CA ASN B 246 -11.77 -8.50 -15.00
C ASN B 246 -10.59 -8.67 -14.05
N VAL B 247 -9.83 -9.70 -14.28
CA VAL B 247 -8.70 -10.05 -13.43
C VAL B 247 -7.44 -9.70 -14.21
N ASN B 248 -6.51 -9.00 -13.54
CA ASN B 248 -5.25 -8.54 -14.08
C ASN B 248 -4.15 -9.17 -13.26
N HIS B 249 -3.25 -9.92 -13.93
CA HIS B 249 -2.08 -10.52 -13.28
C HIS B 249 -0.87 -10.10 -14.11
N LYS B 250 -0.34 -8.91 -13.80
CA LYS B 250 0.74 -8.36 -14.61
C LYS B 250 2.00 -9.20 -14.57
N PRO B 251 2.34 -9.90 -13.48
CA PRO B 251 3.58 -10.70 -13.48
C PRO B 251 3.61 -11.79 -14.54
N SER B 252 2.45 -12.25 -15.04
CA SER B 252 2.43 -13.27 -16.10
C SER B 252 1.88 -12.72 -17.40
N ASN B 253 1.65 -11.39 -17.51
CA ASN B 253 1.03 -10.72 -18.63
C ASN B 253 -0.33 -11.30 -18.99
N THR B 254 -1.14 -11.58 -17.96
CA THR B 254 -2.41 -12.26 -18.14
C THR B 254 -3.55 -11.36 -17.72
N LYS B 255 -4.61 -11.28 -18.51
CA LYS B 255 -5.90 -10.71 -18.13
C LYS B 255 -6.97 -11.78 -18.40
N VAL B 256 -7.94 -11.92 -17.50
CA VAL B 256 -9.06 -12.87 -17.61
C VAL B 256 -10.36 -12.11 -17.32
N ASP B 257 -11.32 -12.23 -18.24
CA ASP B 257 -12.65 -11.71 -18.11
C ASP B 257 -13.54 -12.95 -17.89
N LYS B 258 -14.09 -13.10 -16.70
CA LYS B 258 -14.91 -14.27 -16.38
C LYS B 258 -16.36 -13.82 -16.19
N LYS B 259 -17.25 -14.38 -16.99
CA LYS B 259 -18.66 -14.08 -16.82
C LYS B 259 -19.17 -14.92 -15.65
N VAL B 260 -19.93 -14.32 -14.76
CA VAL B 260 -20.45 -14.98 -13.56
C VAL B 260 -21.96 -15.11 -13.69
N GLU B 261 -22.44 -16.31 -13.94
CA GLU B 261 -23.82 -16.62 -14.25
C GLU B 261 -24.50 -17.01 -12.95
N PRO B 262 -25.69 -16.47 -12.68
CA PRO B 262 -26.44 -16.93 -11.51
C PRO B 262 -26.84 -18.39 -11.65
N LYS B 263 -26.87 -19.06 -10.51
CA LYS B 263 -27.29 -20.46 -10.52
C LYS B 263 -28.79 -20.56 -10.67
N SER B 264 -29.25 -21.70 -11.21
CA SER B 264 -30.70 -22.00 -11.23
C SER B 264 -31.25 -22.29 -9.83
N CYS B 265 -30.48 -22.98 -9.01
CA CYS B 265 -30.86 -23.31 -7.63
C CYS B 265 -31.55 -22.16 -6.95
#